data_9LPU
#
_entry.id   9LPU
#
_cell.length_a   70.005
_cell.length_b   85.773
_cell.length_c   109.759
_cell.angle_alpha   90.00
_cell.angle_beta   90.00
_cell.angle_gamma   90.00
#
_symmetry.space_group_name_H-M   'P 21 21 2'
#
loop_
_entity.id
_entity.type
_entity.pdbx_description
1 polymer 'Large stokes shift fluorescent protein'
2 water water
#
_entity_poly.entity_id   1
_entity_poly.type   'polypeptide(L)'
_entity_poly.pdbx_seq_one_letter_code
;SHMMVSVIAKQMTYKVYMSGTVNGHYFEVEGDGKGKPYEGEQTVKLTVTKGGPLPFAWDILSPLF(CRQ)SIPFTKYPED
IPDYVKQSFPEGYTWERTMNFEDGAVCTVSNDSSIQGNCFIYNVKISGVNFPPNGPVMQKKTQGWEPSTERLFARDGMLI
GNDYMALKLEGGGHYLCEFKSTYKAKKPVRMPGYHYVDRKLDVTSHNRDYTSVEQCEIAIARHSLL
;
_entity_poly.pdbx_strand_id   A,B
#
# COMPACT_ATOMS: atom_id res chain seq x y z
N SER A 1 -9.00 -11.58 37.76
CA SER A 1 -9.00 -10.39 36.91
C SER A 1 -7.61 -10.13 36.32
N HIS A 2 -7.57 -9.49 35.15
CA HIS A 2 -6.29 -9.20 34.49
C HIS A 2 -5.62 -7.96 35.09
N MET A 3 -4.29 -8.00 35.16
CA MET A 3 -3.50 -6.86 35.61
C MET A 3 -3.84 -5.63 34.78
N MET A 4 -4.28 -4.56 35.43
CA MET A 4 -4.46 -3.28 34.76
C MET A 4 -3.18 -2.47 34.86
N VAL A 5 -2.83 -1.76 33.80
CA VAL A 5 -1.63 -0.92 33.81
C VAL A 5 -2.04 0.49 34.21
N SER A 6 -1.17 1.15 34.98
CA SER A 6 -1.53 2.45 35.56
C SER A 6 -1.63 3.56 34.52
N VAL A 7 -0.87 3.48 33.41
CA VAL A 7 -0.98 4.52 32.37
C VAL A 7 -2.23 4.40 31.53
N ILE A 8 -3.08 3.41 31.77
CA ILE A 8 -4.30 3.18 30.99
C ILE A 8 -5.46 3.09 31.96
N ALA A 9 -6.27 4.13 32.03
CA ALA A 9 -7.42 4.15 32.92
C ALA A 9 -8.52 3.23 32.42
N LYS A 10 -9.47 2.92 33.31
CA LYS A 10 -10.59 2.07 32.93
C LYS A 10 -11.51 2.73 31.94
N GLN A 11 -11.48 4.06 31.87
CA GLN A 11 -12.20 4.82 30.87
C GLN A 11 -11.19 5.71 30.17
N MET A 12 -11.15 5.61 28.83
CA MET A 12 -10.20 6.36 28.03
C MET A 12 -10.88 6.84 26.76
N THR A 13 -10.37 7.94 26.22
CA THR A 13 -10.75 8.41 24.91
C THR A 13 -9.60 8.19 23.95
N TYR A 14 -9.82 8.57 22.69
CA TYR A 14 -8.71 8.58 21.75
C TYR A 14 -9.07 9.46 20.56
N LYS A 15 -8.02 9.87 19.84
CA LYS A 15 -8.11 10.59 18.59
C LYS A 15 -7.42 9.76 17.53
N VAL A 16 -8.00 9.70 16.33
CA VAL A 16 -7.42 8.95 15.23
C VAL A 16 -7.36 9.84 13.99
N TYR A 17 -6.23 9.77 13.30
CA TYR A 17 -5.96 10.58 12.13
C TYR A 17 -5.59 9.64 10.99
N MET A 18 -6.44 9.58 9.96
CA MET A 18 -6.21 8.75 8.79
C MET A 18 -6.04 9.59 7.54
N SER A 19 -5.06 9.24 6.75
CA SER A 19 -4.95 9.69 5.38
C SER A 19 -4.69 8.47 4.51
N GLY A 20 -5.11 8.54 3.26
CA GLY A 20 -4.81 7.42 2.40
C GLY A 20 -5.28 7.65 0.98
N THR A 21 -5.06 6.62 0.17
CA THR A 21 -5.41 6.61 -1.23
C THR A 21 -5.99 5.25 -1.54
N VAL A 22 -7.16 5.23 -2.17
CA VAL A 22 -7.84 4.01 -2.57
C VAL A 22 -8.21 4.17 -4.03
N ASN A 23 -7.75 3.27 -4.89
CA ASN A 23 -7.95 3.36 -6.34
C ASN A 23 -7.55 4.73 -6.87
N GLY A 24 -6.49 5.29 -6.30
CA GLY A 24 -5.99 6.58 -6.71
C GLY A 24 -6.71 7.78 -6.13
N HIS A 25 -7.74 7.58 -5.33
CA HIS A 25 -8.46 8.72 -4.74
C HIS A 25 -7.89 9.01 -3.35
N TYR A 26 -7.32 10.20 -3.17
CA TYR A 26 -6.79 10.62 -1.88
C TYR A 26 -7.89 11.13 -0.96
N PHE A 27 -7.71 10.91 0.34
CA PHE A 27 -8.74 11.30 1.29
C PHE A 27 -8.12 11.37 2.69
N GLU A 28 -8.82 12.01 3.60
CA GLU A 28 -8.40 12.11 4.99
C GLU A 28 -9.62 11.96 5.88
N VAL A 29 -9.42 11.34 7.05
CA VAL A 29 -10.49 11.13 8.04
C VAL A 29 -9.91 11.42 9.42
N GLU A 30 -10.73 12.05 10.27
CA GLU A 30 -10.40 12.25 11.67
C GLU A 30 -11.53 11.71 12.53
N GLY A 31 -11.20 11.12 13.67
CA GLY A 31 -12.20 10.60 14.57
C GLY A 31 -11.82 10.85 16.02
N ASP A 32 -12.85 10.91 16.86
CA ASP A 32 -12.68 10.93 18.30
C ASP A 32 -13.50 9.76 18.84
N GLY A 33 -12.91 9.00 19.77
CA GLY A 33 -13.56 7.82 20.30
C GLY A 33 -13.35 7.73 21.79
N LYS A 34 -13.91 6.67 22.37
CA LYS A 34 -13.84 6.45 23.82
C LYS A 34 -14.25 5.01 24.11
N GLY A 35 -13.85 4.53 25.28
CA GLY A 35 -14.27 3.19 25.67
C GLY A 35 -13.63 2.74 26.96
N LYS A 36 -13.77 1.45 27.21
CA LYS A 36 -13.29 0.79 28.42
C LYS A 36 -12.23 -0.22 28.03
N PRO A 37 -10.95 0.11 28.10
CA PRO A 37 -9.93 -0.81 27.57
C PRO A 37 -9.96 -2.18 28.21
N TYR A 38 -10.27 -2.30 29.50
CA TYR A 38 -10.18 -3.61 30.13
C TYR A 38 -11.45 -4.43 29.95
N GLU A 39 -12.52 -3.83 29.44
CA GLU A 39 -13.75 -4.54 29.11
C GLU A 39 -13.84 -4.86 27.63
N GLY A 40 -12.95 -4.30 26.81
CA GLY A 40 -12.97 -4.54 25.38
C GLY A 40 -14.02 -3.78 24.60
N GLU A 41 -14.52 -2.64 25.10
CA GLU A 41 -15.61 -1.92 24.48
C GLU A 41 -15.16 -0.53 24.08
N GLN A 42 -15.59 -0.08 22.90
CA GLN A 42 -15.24 1.25 22.42
C GLN A 42 -16.22 1.66 21.34
N THR A 43 -16.30 2.99 21.12
CA THR A 43 -17.07 3.61 20.06
C THR A 43 -16.25 4.77 19.52
N VAL A 44 -16.48 5.14 18.27
CA VAL A 44 -15.75 6.24 17.63
C VAL A 44 -16.67 6.92 16.64
N LYS A 45 -16.55 8.25 16.53
CA LYS A 45 -17.26 9.02 15.53
C LYS A 45 -16.26 9.58 14.53
N LEU A 46 -16.43 9.24 13.26
CA LEU A 46 -15.49 9.64 12.23
C LEU A 46 -16.05 10.78 11.38
N THR A 47 -15.13 11.62 10.90
CA THR A 47 -15.47 12.69 9.98
C THR A 47 -14.51 12.64 8.81
N VAL A 48 -15.05 12.58 7.60
CA VAL A 48 -14.22 12.68 6.39
C VAL A 48 -13.90 14.16 6.20
N THR A 49 -12.63 14.53 6.36
CA THR A 49 -12.19 15.92 6.32
C THR A 49 -11.57 16.32 4.97
N LYS A 50 -11.26 15.37 4.11
CA LYS A 50 -10.70 15.70 2.80
C LYS A 50 -11.01 14.57 1.84
N GLY A 51 -11.34 14.92 0.60
CA GLY A 51 -11.65 13.94 -0.41
C GLY A 51 -13.04 13.34 -0.34
N GLY A 52 -13.92 13.86 0.50
CA GLY A 52 -15.26 13.33 0.60
C GLY A 52 -16.16 13.93 -0.46
N PRO A 53 -17.28 13.26 -0.76
CA PRO A 53 -17.67 11.93 -0.28
C PRO A 53 -16.81 10.86 -0.96
N LEU A 54 -16.56 9.74 -0.29
CA LEU A 54 -15.66 8.73 -0.79
C LEU A 54 -16.34 7.91 -1.89
N PRO A 55 -15.64 7.66 -3.00
CA PRO A 55 -16.23 6.88 -4.09
C PRO A 55 -16.28 5.38 -3.85
N PHE A 56 -15.83 4.89 -2.69
CA PHE A 56 -15.76 3.46 -2.41
C PHE A 56 -16.52 3.15 -1.13
N ALA A 57 -16.65 1.86 -0.87
CA ALA A 57 -17.40 1.40 0.28
C ALA A 57 -16.73 1.84 1.59
N TRP A 58 -17.52 2.41 2.49
CA TRP A 58 -16.97 2.79 3.79
C TRP A 58 -16.40 1.59 4.53
N ASP A 59 -16.96 0.40 4.29
CA ASP A 59 -16.62 -0.77 5.08
C ASP A 59 -15.13 -1.12 5.00
N ILE A 60 -14.46 -0.80 3.89
CA ILE A 60 -13.05 -1.20 3.81
C ILE A 60 -12.19 -0.40 4.79
N LEU A 61 -12.67 0.76 5.27
CA LEU A 61 -11.94 1.54 6.28
C LEU A 61 -12.31 1.16 7.71
N SER A 62 -13.50 0.64 7.94
CA SER A 62 -14.00 0.39 9.30
C SER A 62 -12.96 -0.24 10.23
N PRO A 63 -12.26 -1.32 9.86
CA PRO A 63 -11.39 -1.99 10.83
C PRO A 63 -10.04 -1.32 10.93
N LEU A 64 -9.94 -0.08 10.49
CA LEU A 64 -8.70 0.66 10.64
C LEU A 64 -8.80 1.78 11.67
N PHE A 65 -10.00 2.12 12.13
CA PHE A 65 -10.15 3.20 13.10
C PHE A 65 -10.09 2.76 14.57
N SER A 67 -7.35 0.76 17.04
CA SER A 67 -7.70 0.98 18.44
C SER A 67 -7.61 -0.31 19.29
N ILE A 68 -6.54 -1.05 19.07
CA ILE A 68 -6.35 -2.37 19.68
C ILE A 68 -6.05 -2.34 21.19
N PRO A 69 -5.74 -1.20 21.84
CA PRO A 69 -5.70 -1.22 23.31
C PRO A 69 -7.02 -1.58 23.94
N PHE A 70 -8.14 -1.45 23.21
CA PHE A 70 -9.46 -1.73 23.77
C PHE A 70 -9.85 -3.18 23.50
N THR A 71 -9.05 -4.10 24.02
CA THR A 71 -9.28 -5.54 23.93
C THR A 71 -9.28 -6.10 25.33
N LYS A 72 -10.32 -6.84 25.68
CA LYS A 72 -10.37 -7.48 26.99
C LYS A 72 -9.47 -8.71 26.98
N TYR A 73 -8.43 -8.71 27.83
CA TYR A 73 -7.59 -9.89 27.97
C TYR A 73 -7.88 -10.60 29.29
N PRO A 74 -7.98 -11.92 29.29
CA PRO A 74 -8.15 -12.66 30.54
C PRO A 74 -6.84 -12.72 31.32
N GLU A 75 -6.96 -13.09 32.60
CA GLU A 75 -5.89 -12.88 33.56
C GLU A 75 -4.58 -13.49 33.09
N ASP A 76 -4.64 -14.70 32.55
CA ASP A 76 -3.41 -15.44 32.30
C ASP A 76 -2.72 -15.14 30.98
N ILE A 77 -3.31 -14.35 30.09
CA ILE A 77 -2.71 -14.07 28.79
C ILE A 77 -2.04 -12.70 28.85
N PRO A 78 -0.72 -12.61 28.65
CA PRO A 78 -0.07 -11.29 28.57
C PRO A 78 -0.73 -10.42 27.52
N ASP A 79 -0.96 -9.15 27.87
CA ASP A 79 -1.58 -8.18 26.97
C ASP A 79 -0.46 -7.38 26.32
N TYR A 80 0.04 -7.89 25.19
CA TYR A 80 1.14 -7.27 24.46
C TYR A 80 0.94 -5.77 24.31
N VAL A 81 -0.20 -5.36 23.76
CA VAL A 81 -0.37 -3.95 23.39
C VAL A 81 -0.39 -3.07 24.64
N LYS A 82 -1.14 -3.47 25.66
CA LYS A 82 -1.22 -2.64 26.86
C LYS A 82 0.13 -2.54 27.57
N GLN A 83 0.99 -3.56 27.46
CA GLN A 83 2.31 -3.45 28.09
C GLN A 83 3.19 -2.43 27.38
N SER A 84 2.96 -2.21 26.09
CA SER A 84 3.83 -1.33 25.31
C SER A 84 3.76 0.12 25.77
N PHE A 85 2.73 0.51 26.51
CA PHE A 85 2.62 1.90 26.92
C PHE A 85 3.49 2.17 28.16
N PRO A 86 3.83 3.45 28.43
CA PRO A 86 3.42 4.70 27.74
C PRO A 86 4.03 4.88 26.36
N GLU A 87 5.14 4.22 26.02
CA GLU A 87 5.84 4.50 24.77
C GLU A 87 4.97 4.22 23.54
N GLY A 88 4.16 3.17 23.58
CA GLY A 88 3.27 2.87 22.48
C GLY A 88 3.78 1.80 21.54
N TYR A 89 3.17 1.76 20.36
CA TYR A 89 3.39 0.67 19.43
C TYR A 89 3.17 1.14 17.98
N THR A 90 3.61 0.30 17.03
CA THR A 90 3.26 0.48 15.63
C THR A 90 2.71 -0.84 15.10
N TRP A 91 2.00 -0.79 13.98
CA TRP A 91 1.63 -2.02 13.31
C TRP A 91 1.48 -1.81 11.80
N GLU A 92 1.59 -2.91 11.07
CA GLU A 92 1.47 -2.93 9.63
C GLU A 92 0.51 -4.04 9.24
N ARG A 93 -0.37 -3.76 8.27
CA ARG A 93 -1.40 -4.71 7.91
C ARG A 93 -1.55 -4.79 6.40
N THR A 94 -1.74 -6.01 5.89
CA THR A 94 -2.17 -6.23 4.50
C THR A 94 -3.58 -6.79 4.49
N MET A 95 -4.41 -6.25 3.61
CA MET A 95 -5.74 -6.75 3.33
C MET A 95 -5.77 -7.27 1.90
N ASN A 96 -6.02 -8.58 1.74
CA ASN A 96 -6.08 -9.23 0.43
C ASN A 96 -7.51 -9.70 0.18
N PHE A 97 -8.21 -8.98 -0.70
CA PHE A 97 -9.59 -9.26 -1.07
C PHE A 97 -9.67 -10.29 -2.18
N GLU A 98 -10.73 -11.11 -2.16
CA GLU A 98 -10.75 -12.29 -3.02
C GLU A 98 -10.86 -11.92 -4.50
N ASP A 99 -11.27 -10.71 -4.83
CA ASP A 99 -11.27 -10.31 -6.23
C ASP A 99 -9.98 -9.61 -6.65
N GLY A 100 -8.90 -9.75 -5.87
CA GLY A 100 -7.59 -9.28 -6.25
C GLY A 100 -7.16 -7.94 -5.68
N ALA A 101 -8.09 -7.18 -5.12
CA ALA A 101 -7.73 -5.88 -4.54
C ALA A 101 -6.83 -6.05 -3.31
N VAL A 102 -5.89 -5.11 -3.15
CA VAL A 102 -4.90 -5.16 -2.07
C VAL A 102 -4.82 -3.82 -1.38
N CYS A 103 -4.75 -3.84 -0.04
CA CYS A 103 -4.45 -2.66 0.77
C CYS A 103 -3.24 -2.92 1.66
N THR A 104 -2.38 -1.91 1.79
CA THR A 104 -1.35 -1.92 2.82
C THR A 104 -1.65 -0.79 3.79
N VAL A 105 -1.43 -1.06 5.08
CA VAL A 105 -1.79 -0.13 6.16
C VAL A 105 -0.64 -0.06 7.15
N SER A 106 -0.31 1.16 7.61
CA SER A 106 0.64 1.33 8.70
C SER A 106 0.05 2.27 9.75
N ASN A 107 0.40 2.01 11.00
CA ASN A 107 -0.17 2.74 12.14
C ASN A 107 0.92 3.07 13.13
N ASP A 108 0.82 4.26 13.74
CA ASP A 108 1.66 4.65 14.85
C ASP A 108 0.77 5.10 16.00
N SER A 109 0.96 4.49 17.16
CA SER A 109 0.12 4.76 18.31
C SER A 109 0.92 5.30 19.48
N SER A 110 0.37 6.34 20.12
CA SER A 110 0.96 7.03 21.25
C SER A 110 -0.13 7.28 22.28
N ILE A 111 0.27 7.79 23.45
CA ILE A 111 -0.68 8.13 24.51
C ILE A 111 -0.33 9.51 25.06
N GLN A 112 -1.36 10.30 25.35
CA GLN A 112 -1.22 11.57 26.08
C GLN A 112 -2.29 11.57 27.17
N GLY A 113 -1.86 11.31 28.40
CA GLY A 113 -2.79 11.30 29.51
C GLY A 113 -3.86 10.24 29.32
N ASN A 114 -5.10 10.70 29.26
CA ASN A 114 -6.27 9.83 29.17
C ASN A 114 -6.72 9.55 27.74
N CYS A 115 -5.87 9.86 26.75
CA CYS A 115 -6.26 9.87 25.34
C CYS A 115 -5.18 9.19 24.51
N PHE A 116 -5.54 8.07 23.87
CA PHE A 116 -4.68 7.49 22.87
C PHE A 116 -4.68 8.34 21.59
N ILE A 117 -3.56 8.32 20.87
CA ILE A 117 -3.44 9.02 19.61
C ILE A 117 -3.00 8.03 18.56
N TYR A 118 -3.81 7.82 17.52
CA TYR A 118 -3.51 6.91 16.42
C TYR A 118 -3.32 7.71 15.14
N ASN A 119 -2.21 7.43 14.44
CA ASN A 119 -1.98 7.90 13.08
C ASN A 119 -1.92 6.68 12.17
N VAL A 120 -2.74 6.66 11.13
CA VAL A 120 -2.87 5.49 10.27
C VAL A 120 -2.87 5.96 8.82
N LYS A 121 -2.18 5.21 7.97
CA LYS A 121 -2.14 5.45 6.53
C LYS A 121 -2.57 4.19 5.81
N ILE A 122 -3.40 4.33 4.78
CA ILE A 122 -3.88 3.20 3.99
C ILE A 122 -3.63 3.47 2.53
N SER A 123 -3.19 2.45 1.80
CA SER A 123 -3.07 2.52 0.34
C SER A 123 -3.85 1.37 -0.26
N GLY A 124 -4.82 1.67 -1.12
CA GLY A 124 -5.64 0.63 -1.73
C GLY A 124 -5.61 0.63 -3.26
N VAL A 125 -5.41 -0.55 -3.87
CA VAL A 125 -5.25 -0.65 -5.32
C VAL A 125 -6.01 -1.84 -5.88
N ASN A 126 -6.33 -1.77 -7.17
CA ASN A 126 -6.96 -2.86 -7.92
C ASN A 126 -8.32 -3.28 -7.35
N PHE A 127 -9.08 -2.35 -6.77
CA PHE A 127 -10.50 -2.62 -6.57
C PHE A 127 -11.20 -2.58 -7.91
N PRO A 128 -11.82 -3.67 -8.37
CA PRO A 128 -12.45 -3.67 -9.70
C PRO A 128 -13.54 -2.62 -9.81
N PRO A 129 -13.60 -1.91 -10.93
CA PRO A 129 -14.57 -0.79 -11.05
C PRO A 129 -16.02 -1.21 -10.89
N ASN A 130 -16.37 -2.46 -11.20
CA ASN A 130 -17.74 -2.95 -10.99
C ASN A 130 -17.87 -3.87 -9.80
N GLY A 131 -16.89 -3.85 -8.91
CA GLY A 131 -16.92 -4.72 -7.76
C GLY A 131 -17.74 -4.15 -6.63
N PRO A 132 -17.98 -4.98 -5.62
CA PRO A 132 -18.81 -4.54 -4.49
C PRO A 132 -18.24 -3.36 -3.74
N VAL A 133 -16.94 -3.08 -3.86
CA VAL A 133 -16.36 -1.96 -3.13
C VAL A 133 -16.62 -0.66 -3.87
N MET A 134 -16.22 -0.57 -5.14
CA MET A 134 -16.45 0.65 -5.89
C MET A 134 -17.92 0.89 -6.21
N GLN A 135 -18.76 -0.15 -6.13
CA GLN A 135 -20.20 0.00 -6.33
C GLN A 135 -20.98 0.04 -5.02
N LYS A 136 -20.29 0.06 -3.88
CA LYS A 136 -20.91 0.24 -2.57
C LYS A 136 -22.03 -0.77 -2.31
N LYS A 137 -21.70 -2.04 -2.51
CA LYS A 137 -22.62 -3.15 -2.30
C LYS A 137 -22.38 -3.89 -0.98
N THR A 138 -21.48 -3.39 -0.14
CA THR A 138 -21.14 -4.11 1.08
C THR A 138 -22.14 -3.76 2.19
N GLN A 139 -22.31 -4.68 3.12
CA GLN A 139 -23.26 -4.50 4.21
C GLN A 139 -22.63 -4.89 5.54
N GLY A 140 -21.41 -4.40 5.76
CA GLY A 140 -20.74 -4.59 7.02
C GLY A 140 -20.07 -5.94 7.14
N TRP A 141 -19.10 -6.00 8.04
CA TRP A 141 -18.33 -7.21 8.27
C TRP A 141 -19.07 -8.20 9.15
N GLU A 142 -18.81 -9.48 8.91
CA GLU A 142 -19.14 -10.53 9.87
C GLU A 142 -18.26 -10.37 11.12
N PRO A 143 -18.74 -10.83 12.27
CA PRO A 143 -17.83 -11.00 13.41
C PRO A 143 -16.71 -11.93 12.99
N SER A 144 -15.55 -11.80 13.62
CA SER A 144 -14.38 -12.52 13.16
C SER A 144 -13.42 -12.77 14.32
N THR A 145 -12.49 -13.70 14.09
CA THR A 145 -11.51 -14.11 15.09
C THR A 145 -10.11 -13.99 14.51
N GLU A 146 -9.27 -13.19 15.13
CA GLU A 146 -7.87 -13.06 14.75
C GLU A 146 -7.06 -14.08 15.55
N ARG A 147 -6.23 -14.85 14.85
CA ARG A 147 -5.30 -15.78 15.46
C ARG A 147 -3.95 -15.08 15.65
N LEU A 148 -3.45 -15.04 16.89
CA LEU A 148 -2.25 -14.28 17.21
C LEU A 148 -1.18 -15.15 17.86
N PHE A 149 0.09 -14.85 17.57
CA PHE A 149 1.21 -15.57 18.16
C PHE A 149 2.47 -14.72 18.07
N ALA A 150 3.44 -15.05 18.93
CA ALA A 150 4.66 -14.27 19.05
C ALA A 150 5.72 -14.80 18.10
N ARG A 151 6.46 -13.89 17.48
CA ARG A 151 7.59 -14.25 16.63
C ARG A 151 8.55 -13.08 16.61
N ASP A 152 9.81 -13.33 17.01
CA ASP A 152 10.84 -12.27 17.09
C ASP A 152 10.38 -11.07 17.93
N GLY A 153 9.65 -11.33 19.02
CA GLY A 153 9.16 -10.25 19.85
C GLY A 153 8.11 -9.36 19.20
N MET A 154 7.66 -9.69 18.01
CA MET A 154 6.51 -9.08 17.36
C MET A 154 5.30 -9.98 17.60
N LEU A 155 4.12 -9.37 17.60
CA LEU A 155 2.89 -10.15 17.59
C LEU A 155 2.39 -10.24 16.15
N ILE A 156 1.92 -11.41 15.75
CA ILE A 156 1.51 -11.69 14.37
C ILE A 156 0.06 -12.14 14.38
N GLY A 157 -0.79 -11.44 13.64
CA GLY A 157 -2.21 -11.75 13.60
C GLY A 157 -2.67 -12.11 12.20
N ASN A 158 -3.53 -13.12 12.11
CA ASN A 158 -4.17 -13.54 10.87
C ASN A 158 -5.66 -13.63 11.11
N ASP A 159 -6.44 -13.13 10.15
CA ASP A 159 -7.88 -13.06 10.30
C ASP A 159 -8.54 -13.33 8.96
N TYR A 160 -9.47 -14.28 8.92
CA TYR A 160 -10.32 -14.50 7.75
C TYR A 160 -11.57 -13.66 7.90
N MET A 161 -11.66 -12.59 7.13
CA MET A 161 -12.69 -11.58 7.23
C MET A 161 -13.73 -11.81 6.13
N ALA A 162 -14.92 -11.24 6.31
CA ALA A 162 -15.93 -11.38 5.25
C ALA A 162 -16.91 -10.23 5.31
N LEU A 163 -16.99 -9.47 4.21
CA LEU A 163 -18.00 -8.44 4.04
C LEU A 163 -19.33 -9.05 3.60
N LYS A 164 -20.42 -8.66 4.25
CA LYS A 164 -21.74 -9.11 3.83
C LYS A 164 -22.17 -8.39 2.55
N LEU A 165 -22.84 -9.12 1.66
CA LEU A 165 -23.23 -8.59 0.37
C LEU A 165 -24.73 -8.37 0.27
N GLU A 166 -25.08 -7.31 -0.44
CA GLU A 166 -26.46 -7.00 -0.78
C GLU A 166 -27.11 -8.20 -1.44
N GLY A 167 -28.23 -8.63 -0.86
CA GLY A 167 -28.90 -9.80 -1.36
C GLY A 167 -28.06 -11.04 -1.19
N GLY A 168 -27.71 -11.36 0.06
CA GLY A 168 -27.00 -12.57 0.36
C GLY A 168 -25.61 -12.61 -0.25
N GLY A 169 -24.74 -13.42 0.31
CA GLY A 169 -23.42 -13.56 -0.27
C GLY A 169 -22.34 -12.89 0.56
N HIS A 170 -21.10 -13.31 0.30
CA HIS A 170 -19.97 -12.86 1.09
C HIS A 170 -18.83 -12.50 0.18
N TYR A 171 -18.09 -11.47 0.56
CA TYR A 171 -16.90 -11.00 -0.15
C TYR A 171 -15.74 -11.13 0.82
N LEU A 172 -14.81 -12.05 0.53
CA LEU A 172 -13.78 -12.45 1.50
C LEU A 172 -12.58 -11.50 1.48
N CYS A 173 -11.96 -11.37 2.65
CA CYS A 173 -10.73 -10.60 2.79
C CYS A 173 -9.85 -11.27 3.83
N GLU A 174 -8.57 -11.42 3.51
CA GLU A 174 -7.58 -11.91 4.46
C GLU A 174 -6.80 -10.77 5.10
N PHE A 175 -6.77 -10.73 6.43
CA PHE A 175 -5.93 -9.78 7.17
C PHE A 175 -4.66 -10.47 7.65
N LYS A 176 -3.52 -9.86 7.37
CA LYS A 176 -2.26 -10.23 8.00
C LYS A 176 -1.74 -8.98 8.71
N SER A 177 -1.54 -9.08 10.02
CA SER A 177 -1.11 -7.94 10.82
C SER A 177 0.18 -8.25 11.57
N THR A 178 0.99 -7.21 11.75
CA THR A 178 2.26 -7.31 12.46
C THR A 178 2.31 -6.18 13.48
N TYR A 179 2.35 -6.52 14.76
CA TYR A 179 2.31 -5.55 15.84
C TYR A 179 3.67 -5.50 16.54
N LYS A 180 4.20 -4.30 16.74
CA LYS A 180 5.53 -4.09 17.29
C LYS A 180 5.48 -3.07 18.43
N ALA A 181 5.64 -3.54 19.67
CA ALA A 181 5.83 -2.63 20.78
C ALA A 181 7.11 -1.83 20.57
N LYS A 182 7.12 -0.60 21.10
CA LYS A 182 8.30 0.26 21.03
C LYS A 182 9.33 -0.02 22.11
N LYS A 183 9.00 -0.84 23.11
CA LYS A 183 9.91 -1.34 24.12
C LYS A 183 9.66 -2.83 24.27
N PRO A 184 10.65 -3.58 24.75
CA PRO A 184 10.41 -5.02 25.00
C PRO A 184 9.31 -5.24 26.03
N VAL A 185 8.48 -6.26 25.80
CA VAL A 185 7.41 -6.62 26.71
C VAL A 185 7.37 -8.14 26.83
N ARG A 186 6.55 -8.62 27.74
CA ARG A 186 6.32 -10.06 27.94
C ARG A 186 5.46 -10.62 26.80
N MET A 187 6.03 -11.48 25.97
CA MET A 187 5.28 -12.05 24.87
C MET A 187 4.19 -12.97 25.38
N PRO A 188 2.99 -12.95 24.77
CA PRO A 188 2.00 -14.00 25.02
C PRO A 188 2.30 -15.24 24.18
N GLY A 189 1.55 -16.29 24.45
CA GLY A 189 1.53 -17.47 23.60
C GLY A 189 0.40 -17.42 22.60
N TYR A 190 0.25 -18.53 21.87
CA TYR A 190 -0.76 -18.67 20.83
C TYR A 190 -2.15 -18.43 21.38
N HIS A 191 -2.91 -17.53 20.76
CA HIS A 191 -4.24 -17.22 21.26
C HIS A 191 -5.07 -16.53 20.18
N TYR A 192 -6.31 -16.16 20.55
CA TYR A 192 -7.30 -15.61 19.65
C TYR A 192 -7.93 -14.37 20.23
N VAL A 193 -8.42 -13.50 19.35
CA VAL A 193 -9.22 -12.34 19.73
C VAL A 193 -10.47 -12.37 18.86
N ASP A 194 -11.65 -12.51 19.50
CA ASP A 194 -12.91 -12.38 18.79
C ASP A 194 -13.28 -10.92 18.72
N ARG A 195 -13.82 -10.50 17.57
CA ARG A 195 -14.22 -9.12 17.38
C ARG A 195 -15.60 -9.07 16.71
N LYS A 196 -16.34 -8.02 17.03
CA LYS A 196 -17.58 -7.68 16.37
C LYS A 196 -17.57 -6.18 16.17
N LEU A 197 -17.69 -5.76 14.92
CA LEU A 197 -17.59 -4.36 14.55
C LEU A 197 -18.83 -3.95 13.77
N ASP A 198 -19.47 -2.85 14.18
CA ASP A 198 -20.69 -2.38 13.54
C ASP A 198 -20.63 -0.88 13.29
N VAL A 199 -21.13 -0.48 12.12
CA VAL A 199 -21.50 0.91 11.91
C VAL A 199 -22.88 1.11 12.54
N THR A 200 -22.94 1.92 13.58
CA THR A 200 -24.21 2.11 14.29
C THR A 200 -25.02 3.26 13.73
N SER A 201 -24.39 4.21 13.04
CA SER A 201 -25.07 5.34 12.44
C SER A 201 -24.13 6.03 11.46
N HIS A 202 -24.73 6.72 10.48
CA HIS A 202 -24.00 7.40 9.43
C HIS A 202 -24.95 8.35 8.70
N ASN A 203 -24.39 9.36 8.04
CA ASN A 203 -25.21 10.21 7.20
C ASN A 203 -25.24 9.64 5.78
N ARG A 204 -25.87 10.36 4.85
CA ARG A 204 -26.22 9.75 3.57
C ARG A 204 -24.99 9.34 2.76
N ASP A 205 -23.97 10.19 2.69
CA ASP A 205 -22.79 9.83 1.91
C ASP A 205 -21.60 9.42 2.78
N TYR A 206 -21.87 8.91 3.98
CA TYR A 206 -20.83 8.42 4.87
C TYR A 206 -19.69 9.42 5.03
N THR A 207 -20.03 10.70 5.18
CA THR A 207 -19.01 11.67 5.59
C THR A 207 -18.98 11.86 7.10
N SER A 208 -20.03 11.43 7.81
CA SER A 208 -20.00 11.27 9.27
C SER A 208 -20.46 9.85 9.56
N VAL A 209 -19.69 9.13 10.36
CA VAL A 209 -19.91 7.71 10.60
C VAL A 209 -19.60 7.42 12.06
N GLU A 210 -20.45 6.62 12.69
CA GLU A 210 -20.25 6.18 14.06
C GLU A 210 -20.12 4.67 14.06
N GLN A 211 -19.03 4.18 14.64
CA GLN A 211 -18.82 2.74 14.72
C GLN A 211 -18.67 2.34 16.17
N CYS A 212 -18.82 1.06 16.42
CA CYS A 212 -18.50 0.54 17.74
C CYS A 212 -18.02 -0.90 17.61
N GLU A 213 -17.21 -1.32 18.57
CA GLU A 213 -16.50 -2.59 18.50
C GLU A 213 -16.40 -3.21 19.89
N ILE A 214 -16.46 -4.54 19.92
CA ILE A 214 -16.16 -5.33 21.10
C ILE A 214 -15.10 -6.35 20.69
N ALA A 215 -14.03 -6.45 21.50
CA ALA A 215 -12.90 -7.34 21.21
C ALA A 215 -12.47 -8.06 22.48
N ILE A 216 -12.41 -9.39 22.44
CA ILE A 216 -12.14 -10.21 23.62
C ILE A 216 -11.15 -11.32 23.26
N ALA A 217 -10.01 -11.35 23.93
CA ALA A 217 -9.00 -12.40 23.73
C ALA A 217 -9.34 -13.66 24.53
N ARG A 218 -8.72 -14.78 24.13
CA ARG A 218 -9.02 -16.07 24.76
C ARG A 218 -8.12 -17.16 24.19
N HIS A 219 -8.04 -18.27 24.91
CA HIS A 219 -7.47 -19.50 24.39
C HIS A 219 -8.47 -20.21 23.49
N SER A 220 -8.06 -21.35 22.96
CA SER A 220 -9.01 -22.19 22.25
C SER A 220 -10.13 -22.61 23.19
N LEU A 221 -11.30 -22.87 22.60
CA LEU A 221 -12.43 -23.30 23.41
C LEU A 221 -12.33 -24.76 23.85
N LEU A 222 -11.58 -25.59 23.13
CA LEU A 222 -11.50 -27.01 23.48
C LEU A 222 -10.27 -27.35 24.34
N SER B 1 8.61 1.80 -39.63
CA SER B 1 8.66 2.64 -38.43
C SER B 1 7.29 2.72 -37.75
N HIS B 2 7.28 2.88 -36.44
CA HIS B 2 6.03 3.02 -35.71
C HIS B 2 5.49 4.45 -35.85
N MET B 3 4.15 4.56 -35.91
CA MET B 3 3.52 5.87 -35.87
C MET B 3 4.00 6.64 -34.65
N MET B 4 4.21 7.94 -34.83
CA MET B 4 4.65 8.84 -33.77
C MET B 4 3.50 9.81 -33.52
N VAL B 5 3.14 10.03 -32.25
CA VAL B 5 2.04 10.94 -31.96
C VAL B 5 2.58 12.36 -31.88
N SER B 6 1.86 13.30 -32.50
CA SER B 6 2.37 14.67 -32.61
C SER B 6 2.55 15.33 -31.24
N VAL B 7 1.79 14.92 -30.22
CA VAL B 7 1.92 15.53 -28.90
C VAL B 7 3.14 15.03 -28.12
N ILE B 8 3.90 14.09 -28.66
CA ILE B 8 5.08 13.53 -27.99
C ILE B 8 6.28 13.64 -28.92
N ALA B 9 7.21 14.53 -28.60
CA ALA B 9 8.35 14.83 -29.45
C ALA B 9 9.38 13.69 -29.41
N LYS B 10 10.31 13.71 -30.36
CA LYS B 10 11.35 12.70 -30.37
C LYS B 10 12.29 12.84 -29.19
N GLN B 11 12.42 14.03 -28.61
CA GLN B 11 13.09 14.23 -27.33
C GLN B 11 12.14 14.91 -26.38
N MET B 12 12.06 14.40 -25.15
CA MET B 12 11.14 14.88 -24.14
C MET B 12 11.86 14.93 -22.80
N THR B 13 11.33 15.74 -21.88
CA THR B 13 11.76 15.71 -20.51
C THR B 13 10.60 15.26 -19.64
N TYR B 14 10.89 15.09 -18.35
CA TYR B 14 9.79 14.83 -17.43
C TYR B 14 10.20 15.20 -16.01
N LYS B 15 9.17 15.49 -15.21
CA LYS B 15 9.32 15.70 -13.78
C LYS B 15 8.55 14.60 -13.07
N VAL B 16 9.10 14.09 -11.97
CA VAL B 16 8.43 13.06 -11.21
C VAL B 16 8.41 13.46 -9.74
N TYR B 17 7.25 13.35 -9.12
CA TYR B 17 7.04 13.72 -7.73
C TYR B 17 6.58 12.47 -7.00
N MET B 18 7.30 12.09 -5.94
CA MET B 18 7.00 10.85 -5.22
C MET B 18 6.96 11.09 -3.72
N SER B 19 5.92 10.55 -3.08
CA SER B 19 5.83 10.49 -1.63
C SER B 19 5.51 9.05 -1.24
N GLY B 20 5.88 8.68 -0.03
CA GLY B 20 5.56 7.33 0.35
C GLY B 20 6.01 7.02 1.76
N THR B 21 5.68 5.79 2.16
CA THR B 21 5.98 5.22 3.46
C THR B 21 6.47 3.80 3.22
N VAL B 22 7.61 3.46 3.81
CA VAL B 22 8.15 2.10 3.73
C VAL B 22 8.54 1.67 5.14
N ASN B 23 8.00 0.55 5.61
CA ASN B 23 8.12 0.14 7.01
C ASN B 23 7.86 1.31 7.96
N GLY B 24 6.82 2.08 7.66
CA GLY B 24 6.42 3.18 8.51
C GLY B 24 7.23 4.46 8.39
N HIS B 25 8.18 4.54 7.45
CA HIS B 25 9.05 5.71 7.34
C HIS B 25 8.63 6.56 6.15
N TYR B 26 8.25 7.81 6.41
CA TYR B 26 7.78 8.69 5.35
C TYR B 26 8.93 9.33 4.60
N PHE B 27 8.72 9.58 3.32
CA PHE B 27 9.78 10.19 2.52
C PHE B 27 9.16 10.79 1.28
N GLU B 28 9.87 11.77 0.72
CA GLU B 28 9.50 12.36 -0.55
C GLU B 28 10.74 12.40 -1.45
N VAL B 29 10.52 12.26 -2.76
CA VAL B 29 11.59 12.30 -3.74
C VAL B 29 11.10 13.11 -4.94
N GLU B 30 11.99 13.88 -5.56
CA GLU B 30 11.70 14.57 -6.80
C GLU B 30 12.78 14.23 -7.82
N GLY B 31 12.37 14.17 -9.09
CA GLY B 31 13.29 13.83 -10.15
C GLY B 31 13.05 14.64 -11.40
N ASP B 32 14.11 14.80 -12.18
CA ASP B 32 14.05 15.41 -13.51
C ASP B 32 14.67 14.44 -14.48
N GLY B 33 13.96 14.16 -15.58
CA GLY B 33 14.43 13.17 -16.53
C GLY B 33 14.28 13.66 -17.95
N LYS B 34 14.81 12.86 -18.87
CA LYS B 34 14.74 13.15 -20.29
C LYS B 34 15.00 11.87 -21.05
N GLY B 35 14.67 11.89 -22.33
CA GLY B 35 15.01 10.76 -23.17
C GLY B 35 14.34 10.85 -24.53
N LYS B 36 14.42 9.72 -25.24
CA LYS B 36 13.86 9.58 -26.58
C LYS B 36 12.72 8.57 -26.51
N PRO B 37 11.46 9.01 -26.44
CA PRO B 37 10.37 8.07 -26.21
C PRO B 37 10.24 7.00 -27.29
N TYR B 38 10.51 7.34 -28.55
CA TYR B 38 10.32 6.36 -29.60
C TYR B 38 11.51 5.42 -29.74
N GLU B 39 12.63 5.72 -29.07
CA GLU B 39 13.75 4.80 -29.02
C GLU B 39 13.79 4.01 -27.71
N GLY B 40 12.94 4.35 -26.74
CA GLY B 40 12.90 3.64 -25.48
C GLY B 40 14.09 3.87 -24.58
N GLU B 41 14.64 5.09 -24.55
CA GLU B 41 15.80 5.42 -23.74
C GLU B 41 15.48 6.62 -22.87
N GLN B 42 15.94 6.58 -21.62
CA GLN B 42 15.70 7.69 -20.70
C GLN B 42 16.73 7.65 -19.58
N THR B 43 16.93 8.81 -18.96
CA THR B 43 17.69 8.93 -17.73
C THR B 43 16.93 9.86 -16.80
N VAL B 44 17.22 9.78 -15.51
CA VAL B 44 16.53 10.60 -14.53
C VAL B 44 17.48 10.85 -13.35
N LYS B 45 17.48 12.08 -12.85
CA LYS B 45 18.20 12.43 -11.65
C LYS B 45 17.20 12.64 -10.52
N LEU B 46 17.42 11.95 -9.41
CA LEU B 46 16.51 11.95 -8.28
C LEU B 46 17.13 12.64 -7.08
N THR B 47 16.30 13.31 -6.29
CA THR B 47 16.74 13.94 -5.05
C THR B 47 15.75 13.57 -3.95
N VAL B 48 16.24 12.91 -2.91
CA VAL B 48 15.42 12.74 -1.71
C VAL B 48 15.24 14.10 -1.07
N THR B 49 13.99 14.48 -0.81
CA THR B 49 13.68 15.81 -0.31
C THR B 49 13.00 15.80 1.06
N LYS B 50 12.55 14.65 1.54
CA LYS B 50 12.01 14.54 2.88
C LYS B 50 12.27 13.13 3.37
N GLY B 51 12.57 13.00 4.66
CA GLY B 51 12.81 11.71 5.26
C GLY B 51 14.11 11.05 4.86
N GLY B 52 15.03 11.80 4.26
CA GLY B 52 16.32 11.26 3.91
C GLY B 52 17.29 11.44 5.05
N PRO B 53 18.38 10.64 5.06
CA PRO B 53 18.69 9.53 4.14
C PRO B 53 17.76 8.36 4.41
N LEU B 54 17.38 7.61 3.37
CA LEU B 54 16.41 6.54 3.52
C LEU B 54 17.02 5.36 4.25
N PRO B 55 16.28 4.71 5.14
CA PRO B 55 16.84 3.55 5.87
C PRO B 55 16.65 2.23 5.14
N PHE B 56 16.31 2.27 3.84
CA PHE B 56 16.00 1.04 3.11
C PHE B 56 16.66 1.10 1.75
N ALA B 57 16.86 -0.09 1.17
CA ALA B 57 17.53 -0.21 -0.12
C ALA B 57 16.89 0.70 -1.16
N TRP B 58 17.71 1.50 -1.82
CA TRP B 58 17.19 2.38 -2.86
C TRP B 58 16.50 1.59 -3.97
N ASP B 59 16.96 0.35 -4.21
CA ASP B 59 16.50 -0.43 -5.36
C ASP B 59 15.00 -0.70 -5.33
N ILE B 60 14.34 -0.63 -4.17
CA ILE B 60 12.90 -0.90 -4.17
C ILE B 60 12.13 0.26 -4.77
N LEU B 61 12.73 1.46 -4.84
CA LEU B 61 12.11 2.62 -5.44
C LEU B 61 12.42 2.74 -6.93
N SER B 62 13.57 2.21 -7.36
CA SER B 62 14.06 2.39 -8.72
C SER B 62 13.01 2.21 -9.81
N PRO B 63 12.21 1.13 -9.83
CA PRO B 63 11.29 0.93 -10.96
C PRO B 63 10.02 1.76 -10.87
N LEU B 64 9.95 2.70 -9.94
CA LEU B 64 8.78 3.55 -9.81
C LEU B 64 8.99 4.93 -10.42
N PHE B 65 10.19 5.24 -10.89
CA PHE B 65 10.42 6.56 -11.46
C PHE B 65 10.23 6.59 -12.98
N SER B 67 7.65 6.02 -15.79
CA SER B 67 7.97 6.73 -17.02
C SER B 67 7.85 5.82 -18.25
N ILE B 68 6.70 5.16 -18.33
CA ILE B 68 6.44 4.16 -19.38
C ILE B 68 6.18 4.73 -20.77
N PRO B 69 5.99 6.05 -20.98
CA PRO B 69 6.00 6.54 -22.37
C PRO B 69 7.30 6.29 -23.09
N PHE B 70 8.40 6.06 -22.37
CA PHE B 70 9.70 5.88 -23.00
C PHE B 70 9.95 4.40 -23.29
N THR B 71 9.05 3.83 -24.10
CA THR B 71 9.13 2.44 -24.50
C THR B 71 9.03 2.40 -26.02
N LYS B 72 9.98 1.74 -26.65
CA LYS B 72 9.99 1.63 -28.10
C LYS B 72 9.00 0.54 -28.52
N TYR B 73 8.04 0.90 -29.37
CA TYR B 73 7.05 -0.07 -29.87
C TYR B 73 7.27 -0.30 -31.36
N PRO B 74 7.45 -1.55 -31.78
CA PRO B 74 7.53 -1.82 -33.22
C PRO B 74 6.21 -1.47 -33.90
N GLU B 75 6.29 -1.29 -35.23
CA GLU B 75 5.19 -0.66 -35.95
C GLU B 75 3.89 -1.43 -35.79
N ASP B 76 3.95 -2.76 -35.75
CA ASP B 76 2.72 -3.52 -35.77
C ASP B 76 2.08 -3.70 -34.39
N ILE B 77 2.60 -3.11 -33.31
CA ILE B 77 1.99 -3.24 -31.99
C ILE B 77 1.46 -1.88 -31.56
N PRO B 78 0.16 -1.75 -31.27
CA PRO B 78 -0.37 -0.48 -30.74
C PRO B 78 0.30 -0.09 -29.43
N ASP B 79 0.45 1.21 -29.23
CA ASP B 79 1.16 1.76 -28.06
C ASP B 79 0.13 2.35 -27.13
N TYR B 80 -0.32 1.55 -26.17
CA TYR B 80 -1.37 1.95 -25.24
C TYR B 80 -1.03 3.27 -24.56
N VAL B 81 0.18 3.38 -24.01
CA VAL B 81 0.52 4.56 -23.22
C VAL B 81 0.60 5.81 -24.10
N LYS B 82 1.24 5.71 -25.27
CA LYS B 82 1.39 6.90 -26.08
C LYS B 82 0.06 7.37 -26.65
N GLN B 83 -0.87 6.45 -26.97
CA GLN B 83 -2.17 6.87 -27.47
C GLN B 83 -2.95 7.67 -26.45
N SER B 84 -2.74 7.39 -25.16
CA SER B 84 -3.52 8.03 -24.10
C SER B 84 -3.28 9.54 -24.03
N PHE B 85 -2.25 10.04 -24.70
CA PHE B 85 -1.99 11.46 -24.54
C PHE B 85 -2.77 12.28 -25.57
N PRO B 86 -3.03 13.56 -25.30
CA PRO B 86 -2.54 14.39 -24.18
C PRO B 86 -3.21 14.14 -22.84
N GLU B 87 -4.40 13.52 -22.79
CA GLU B 87 -5.09 13.33 -21.51
C GLU B 87 -4.22 12.61 -20.50
N GLY B 88 -3.51 11.56 -20.92
CA GLY B 88 -2.61 10.85 -20.02
C GLY B 88 -3.15 9.53 -19.48
N TYR B 89 -2.67 9.11 -18.31
CA TYR B 89 -3.02 7.80 -17.78
C TYR B 89 -2.79 7.75 -16.28
N THR B 90 -3.26 6.67 -15.67
CA THR B 90 -2.91 6.28 -14.31
C THR B 90 -2.47 4.83 -14.33
N TRP B 91 -1.78 4.40 -13.27
CA TRP B 91 -1.56 2.97 -13.09
C TRP B 91 -1.41 2.63 -11.61
N GLU B 92 -1.64 1.36 -11.32
CA GLU B 92 -1.47 0.84 -9.98
C GLU B 92 -0.62 -0.42 -10.05
N ARG B 93 0.21 -0.62 -9.04
CA ARG B 93 1.14 -1.73 -9.06
C ARG B 93 1.21 -2.35 -7.68
N THR B 94 1.20 -3.68 -7.62
CA THR B 94 1.60 -4.40 -6.43
C THR B 94 2.99 -4.98 -6.63
N MET B 95 3.78 -4.99 -5.55
CA MET B 95 5.12 -5.56 -5.54
C MET B 95 5.19 -6.58 -4.42
N ASN B 96 5.32 -7.86 -4.76
CA ASN B 96 5.29 -8.93 -3.78
C ASN B 96 6.65 -9.59 -3.72
N PHE B 97 7.37 -9.34 -2.62
CA PHE B 97 8.70 -9.89 -2.41
C PHE B 97 8.62 -11.26 -1.74
N GLU B 98 9.65 -12.09 -1.96
CA GLU B 98 9.55 -13.49 -1.56
C GLU B 98 9.68 -13.68 -0.05
N ASP B 99 10.18 -12.69 0.68
CA ASP B 99 10.12 -12.77 2.13
C ASP B 99 8.86 -12.10 2.69
N GLY B 100 7.85 -11.86 1.87
CA GLY B 100 6.56 -11.41 2.35
C GLY B 100 6.38 -9.92 2.48
N ALA B 101 7.39 -9.11 2.14
CA ALA B 101 7.13 -7.70 2.02
C ALA B 101 6.20 -7.42 0.83
N VAL B 102 5.34 -6.41 0.96
CA VAL B 102 4.37 -6.04 -0.07
C VAL B 102 4.37 -4.53 -0.22
N CYS B 103 4.42 -4.05 -1.47
CA CYS B 103 4.29 -2.63 -1.79
C CYS B 103 3.07 -2.43 -2.68
N THR B 104 2.25 -1.43 -2.37
CA THR B 104 1.25 -0.93 -3.30
C THR B 104 1.67 0.43 -3.81
N VAL B 105 1.44 0.67 -5.10
CA VAL B 105 1.90 1.89 -5.77
C VAL B 105 0.77 2.44 -6.63
N SER B 106 0.61 3.75 -6.63
CA SER B 106 -0.31 4.40 -7.55
C SER B 106 0.38 5.57 -8.23
N ASN B 107 -0.03 5.83 -9.47
CA ASN B 107 0.61 6.83 -10.31
C ASN B 107 -0.44 7.58 -11.12
N ASP B 108 -0.20 8.87 -11.34
CA ASP B 108 -1.00 9.69 -12.24
C ASP B 108 -0.03 10.45 -13.13
N SER B 109 -0.28 10.43 -14.44
CA SER B 109 0.66 10.97 -15.41
C SER B 109 -0.06 11.86 -16.42
N SER B 110 0.51 13.05 -16.65
CA SER B 110 -0.05 14.04 -17.56
C SER B 110 1.11 14.66 -18.34
N ILE B 111 0.81 15.66 -19.17
CA ILE B 111 1.81 16.26 -20.04
C ILE B 111 1.61 17.77 -20.07
N GLN B 112 2.71 18.53 -20.08
CA GLN B 112 2.69 19.97 -20.33
C GLN B 112 3.76 20.24 -21.39
N GLY B 113 3.33 20.36 -22.63
CA GLY B 113 4.23 20.62 -23.73
C GLY B 113 5.27 19.54 -23.96
N ASN B 114 6.53 19.89 -23.75
CA ASN B 114 7.65 18.99 -23.92
C ASN B 114 7.93 18.15 -22.66
N CYS B 115 7.08 18.25 -21.63
CA CYS B 115 7.38 17.68 -20.32
C CYS B 115 6.24 16.79 -19.84
N PHE B 116 6.55 15.51 -19.61
CA PHE B 116 5.67 14.65 -18.83
C PHE B 116 5.75 15.03 -17.34
N ILE B 117 4.62 14.86 -16.65
CA ILE B 117 4.56 15.06 -15.20
C ILE B 117 4.04 13.78 -14.58
N TYR B 118 4.76 13.25 -13.59
CA TYR B 118 4.37 12.03 -12.88
C TYR B 118 4.19 12.31 -11.40
N ASN B 119 3.08 11.84 -10.85
CA ASN B 119 2.85 11.83 -9.42
C ASN B 119 2.69 10.38 -8.99
N VAL B 120 3.51 9.94 -8.04
CA VAL B 120 3.55 8.53 -7.67
C VAL B 120 3.61 8.42 -6.16
N LYS B 121 2.83 7.47 -5.62
CA LYS B 121 2.76 7.21 -4.19
C LYS B 121 3.06 5.74 -3.96
N ILE B 122 3.90 5.43 -2.98
CA ILE B 122 4.22 4.05 -2.64
C ILE B 122 3.95 3.80 -1.15
N SER B 123 3.40 2.63 -0.85
CA SER B 123 3.26 2.17 0.52
C SER B 123 3.88 0.78 0.59
N GLY B 124 4.96 0.63 1.34
CA GLY B 124 5.57 -0.67 1.51
C GLY B 124 5.55 -1.17 2.95
N VAL B 125 5.16 -2.42 3.19
CA VAL B 125 5.05 -2.96 4.55
C VAL B 125 5.70 -4.34 4.64
N ASN B 126 6.07 -4.71 5.87
CA ASN B 126 6.53 -6.07 6.22
C ASN B 126 7.86 -6.44 5.56
N PHE B 127 8.74 -5.47 5.36
CA PHE B 127 10.13 -5.79 5.09
C PHE B 127 10.77 -6.31 6.38
N PRO B 128 11.32 -7.53 6.39
CA PRO B 128 11.94 -8.05 7.61
C PRO B 128 13.13 -7.20 8.02
N PRO B 129 13.24 -6.85 9.30
CA PRO B 129 14.33 -5.94 9.72
C PRO B 129 15.72 -6.45 9.44
N ASN B 130 15.93 -7.75 9.27
CA ASN B 130 17.23 -8.29 8.91
C ASN B 130 17.30 -8.78 7.48
N GLY B 131 16.30 -8.47 6.67
CA GLY B 131 16.32 -8.82 5.27
C GLY B 131 17.15 -7.86 4.46
N PRO B 132 17.35 -8.21 3.19
CA PRO B 132 18.28 -7.44 2.34
C PRO B 132 17.80 -6.04 2.02
N VAL B 133 16.52 -5.74 2.19
CA VAL B 133 16.06 -4.38 1.93
C VAL B 133 16.40 -3.46 3.11
N MET B 134 16.06 -3.87 4.33
CA MET B 134 16.36 -3.04 5.49
C MET B 134 17.86 -3.04 5.81
N GLN B 135 18.58 -4.08 5.41
CA GLN B 135 20.02 -4.12 5.61
C GLN B 135 20.81 -3.64 4.39
N LYS B 136 20.12 -3.11 3.38
CA LYS B 136 20.75 -2.53 2.18
C LYS B 136 21.82 -3.44 1.56
N LYS B 137 21.40 -4.67 1.28
CA LYS B 137 22.27 -5.70 0.70
C LYS B 137 21.96 -5.95 -0.77
N THR B 138 21.10 -5.16 -1.40
CA THR B 138 20.73 -5.40 -2.79
C THR B 138 21.72 -4.70 -3.72
N GLN B 139 21.86 -5.25 -4.93
CA GLN B 139 22.83 -4.75 -5.89
C GLN B 139 22.20 -4.61 -7.28
N GLY B 140 21.02 -3.98 -7.32
CA GLY B 140 20.37 -3.68 -8.58
C GLY B 140 19.52 -4.83 -9.10
N TRP B 141 18.77 -4.54 -10.16
CA TRP B 141 17.78 -5.45 -10.70
C TRP B 141 18.30 -6.18 -11.93
N GLU B 142 17.92 -7.44 -12.05
CA GLU B 142 18.19 -8.17 -13.27
C GLU B 142 17.41 -7.53 -14.41
N PRO B 143 17.93 -7.58 -15.63
CA PRO B 143 17.11 -7.24 -16.80
C PRO B 143 15.84 -8.07 -16.75
N SER B 144 14.73 -7.48 -17.17
CA SER B 144 13.47 -8.23 -17.02
C SER B 144 12.50 -7.99 -18.18
N THR B 145 11.49 -8.82 -18.21
CA THR B 145 10.46 -8.81 -19.24
C THR B 145 9.09 -8.76 -18.60
N GLU B 146 8.26 -7.85 -19.08
CA GLU B 146 6.89 -7.71 -18.61
C GLU B 146 5.97 -8.31 -19.67
N ARG B 147 5.06 -9.17 -19.23
CA ARG B 147 4.02 -9.73 -20.09
C ARG B 147 2.79 -8.83 -20.03
N LEU B 148 2.28 -8.42 -21.20
CA LEU B 148 1.16 -7.47 -21.26
C LEU B 148 0.05 -7.97 -22.16
N PHE B 149 -1.19 -7.71 -21.75
CA PHE B 149 -2.38 -8.05 -22.52
C PHE B 149 -3.50 -7.09 -22.12
N ALA B 150 -4.54 -7.07 -22.93
CA ALA B 150 -5.66 -6.17 -22.73
C ALA B 150 -6.79 -6.87 -22.01
N ARG B 151 -7.44 -6.16 -21.10
CA ARG B 151 -8.63 -6.68 -20.44
C ARG B 151 -9.46 -5.50 -19.97
N ASP B 152 -10.74 -5.48 -20.36
CA ASP B 152 -11.69 -4.46 -19.92
C ASP B 152 -11.19 -3.04 -20.18
N GLY B 153 -10.51 -2.84 -21.31
CA GLY B 153 -10.01 -1.52 -21.64
C GLY B 153 -8.73 -1.13 -20.94
N MET B 154 -8.16 -2.02 -20.14
CA MET B 154 -6.96 -1.74 -19.36
C MET B 154 -5.83 -2.62 -19.87
N LEU B 155 -4.59 -2.16 -19.70
CA LEU B 155 -3.43 -2.95 -20.06
C LEU B 155 -2.89 -3.58 -18.78
N ILE B 156 -2.88 -4.92 -18.72
CA ILE B 156 -2.43 -5.66 -17.56
C ILE B 156 -1.01 -6.13 -17.80
N GLY B 157 -0.14 -5.96 -16.79
CA GLY B 157 1.23 -6.42 -16.89
C GLY B 157 1.64 -7.25 -15.69
N ASN B 158 2.51 -8.24 -15.95
CA ASN B 158 3.13 -9.05 -14.91
C ASN B 158 4.61 -9.20 -15.23
N ASP B 159 5.42 -9.23 -14.18
CA ASP B 159 6.88 -9.32 -14.34
C ASP B 159 7.47 -10.03 -13.14
N TYR B 160 8.15 -11.16 -13.38
CA TYR B 160 8.98 -11.80 -12.35
C TYR B 160 10.32 -11.08 -12.28
N MET B 161 10.49 -10.22 -11.28
CA MET B 161 11.69 -9.42 -11.11
C MET B 161 12.61 -10.10 -10.11
N ALA B 162 13.89 -9.75 -10.16
CA ALA B 162 14.83 -10.27 -9.17
C ALA B 162 15.88 -9.21 -8.87
N LEU B 163 16.13 -8.97 -7.58
CA LEU B 163 17.23 -8.16 -7.12
C LEU B 163 18.49 -9.01 -6.97
N LYS B 164 19.62 -8.43 -7.34
CA LYS B 164 20.90 -9.09 -7.13
C LYS B 164 21.34 -8.88 -5.68
N LEU B 165 21.97 -9.90 -5.12
CA LEU B 165 22.35 -9.90 -3.71
C LEU B 165 23.87 -9.88 -3.57
N GLU B 166 24.34 -9.03 -2.67
CA GLU B 166 25.73 -8.92 -2.27
C GLU B 166 26.19 -10.29 -1.78
N GLY B 167 27.06 -10.94 -2.55
CA GLY B 167 27.39 -12.32 -2.32
C GLY B 167 26.71 -13.30 -3.24
N GLY B 168 26.26 -12.86 -4.41
CA GLY B 168 25.61 -13.73 -5.35
C GLY B 168 24.22 -14.15 -4.90
N GLY B 169 23.42 -14.65 -5.82
CA GLY B 169 22.07 -15.04 -5.45
C GLY B 169 21.08 -13.91 -5.62
N HIS B 170 19.81 -14.25 -5.40
CA HIS B 170 18.75 -13.37 -5.84
C HIS B 170 17.67 -13.28 -4.78
N TYR B 171 16.96 -12.15 -4.81
CA TYR B 171 15.85 -11.84 -3.92
C TYR B 171 14.68 -11.51 -4.85
N LEU B 172 13.64 -12.34 -4.84
CA LEU B 172 12.62 -12.30 -5.89
C LEU B 172 11.47 -11.37 -5.55
N CYS B 173 10.94 -10.74 -6.59
CA CYS B 173 9.79 -9.85 -6.46
C CYS B 173 8.89 -10.03 -7.68
N GLU B 174 7.59 -10.16 -7.44
CA GLU B 174 6.59 -10.22 -8.51
C GLU B 174 5.90 -8.88 -8.66
N PHE B 175 5.91 -8.35 -9.89
CA PHE B 175 5.20 -7.12 -10.24
C PHE B 175 3.88 -7.46 -10.91
N LYS B 176 2.79 -6.89 -10.41
CA LYS B 176 1.53 -6.84 -11.13
C LYS B 176 1.15 -5.38 -11.34
N SER B 177 0.92 -5.00 -12.60
CA SER B 177 0.61 -3.62 -12.94
C SER B 177 -0.69 -3.53 -13.73
N THR B 178 -1.44 -2.46 -13.48
CA THR B 178 -2.69 -2.20 -14.17
C THR B 178 -2.67 -0.78 -14.70
N TYR B 179 -2.58 -0.64 -16.03
CA TYR B 179 -2.45 0.67 -16.68
C TYR B 179 -3.79 1.06 -17.30
N LYS B 180 -4.26 2.26 -17.00
CA LYS B 180 -5.57 2.75 -17.43
C LYS B 180 -5.44 4.10 -18.13
N ALA B 181 -5.60 4.13 -19.45
CA ALA B 181 -5.61 5.38 -20.18
C ALA B 181 -6.82 6.23 -19.77
N LYS B 182 -6.67 7.54 -19.82
CA LYS B 182 -7.76 8.43 -19.45
C LYS B 182 -8.76 8.68 -20.61
N LYS B 183 -8.63 7.97 -21.71
CA LYS B 183 -9.59 8.00 -22.81
C LYS B 183 -9.53 6.65 -23.49
N PRO B 184 -10.57 6.26 -24.23
CA PRO B 184 -10.48 5.01 -25.01
C PRO B 184 -9.39 5.10 -26.07
N VAL B 185 -8.63 4.02 -26.20
CA VAL B 185 -7.55 3.92 -27.18
C VAL B 185 -7.63 2.55 -27.84
N ARG B 186 -6.87 2.40 -28.93
CA ARG B 186 -6.78 1.12 -29.61
C ARG B 186 -5.93 0.14 -28.81
N MET B 187 -6.41 -1.10 -28.67
CA MET B 187 -5.85 -2.05 -27.72
C MET B 187 -4.82 -2.95 -28.38
N PRO B 188 -3.64 -3.13 -27.80
CA PRO B 188 -2.68 -4.07 -28.38
C PRO B 188 -3.06 -5.51 -28.04
N GLY B 189 -2.45 -6.43 -28.78
CA GLY B 189 -2.55 -7.83 -28.44
C GLY B 189 -1.52 -8.22 -27.40
N TYR B 190 -1.59 -9.49 -27.00
CA TYR B 190 -0.63 -10.09 -26.08
C TYR B 190 0.80 -9.86 -26.56
N HIS B 191 1.65 -9.32 -25.69
CA HIS B 191 3.03 -9.00 -26.10
C HIS B 191 3.91 -8.81 -24.86
N TYR B 192 5.17 -8.42 -25.10
CA TYR B 192 6.19 -8.30 -24.06
C TYR B 192 6.94 -6.99 -24.19
N VAL B 193 7.48 -6.53 -23.06
CA VAL B 193 8.41 -5.39 -23.01
C VAL B 193 9.63 -5.83 -22.23
N ASP B 194 10.80 -5.79 -22.88
CA ASP B 194 12.07 -6.09 -22.21
C ASP B 194 12.60 -4.78 -21.62
N ARG B 195 13.23 -4.88 -20.46
CA ARG B 195 13.74 -3.71 -19.76
C ARG B 195 15.09 -4.01 -19.11
N LYS B 196 15.93 -2.99 -19.11
CA LYS B 196 17.17 -2.97 -18.34
C LYS B 196 17.17 -1.65 -17.58
N LEU B 197 17.48 -1.71 -16.29
CA LEU B 197 17.42 -0.53 -15.44
C LEU B 197 18.63 -0.54 -14.52
N ASP B 198 19.47 0.50 -14.64
CA ASP B 198 20.69 0.59 -13.85
C ASP B 198 20.79 1.95 -13.16
N VAL B 199 21.25 1.91 -11.91
CA VAL B 199 21.69 3.12 -11.24
C VAL B 199 23.09 3.42 -11.74
N THR B 200 23.26 4.56 -12.40
CA THR B 200 24.55 4.87 -12.98
C THR B 200 25.44 5.67 -12.05
N SER B 201 24.84 6.43 -11.13
CA SER B 201 25.61 7.12 -10.11
C SER B 201 24.70 7.46 -8.95
N HIS B 202 25.33 7.69 -7.80
CA HIS B 202 24.65 8.02 -6.55
C HIS B 202 25.70 8.57 -5.58
N ASN B 203 25.26 9.38 -4.63
CA ASN B 203 26.15 9.75 -3.54
C ASN B 203 26.09 8.69 -2.44
N ARG B 204 26.79 8.95 -1.34
CA ARG B 204 27.04 7.90 -0.36
C ARG B 204 25.76 7.42 0.30
N ASP B 205 24.87 8.34 0.68
CA ASP B 205 23.64 7.94 1.38
C ASP B 205 22.44 7.89 0.42
N TYR B 206 22.68 7.80 -0.88
CA TYR B 206 21.64 7.69 -1.90
C TYR B 206 20.57 8.77 -1.73
N THR B 207 20.99 9.98 -1.37
CA THR B 207 20.06 11.11 -1.43
C THR B 207 20.08 11.81 -2.78
N SER B 208 21.09 11.56 -3.62
CA SER B 208 21.08 11.92 -5.04
C SER B 208 21.41 10.68 -5.83
N VAL B 209 20.55 10.32 -6.78
CA VAL B 209 20.68 9.09 -7.54
C VAL B 209 20.37 9.38 -9.01
N GLU B 210 21.10 8.72 -9.91
CA GLU B 210 20.83 8.81 -11.34
C GLU B 210 20.60 7.41 -11.87
N GLN B 211 19.54 7.26 -12.68
CA GLN B 211 19.19 5.96 -13.22
C GLN B 211 19.05 6.07 -14.73
N CYS B 212 19.23 4.93 -15.39
CA CYS B 212 19.15 4.86 -16.84
C CYS B 212 18.35 3.61 -17.20
N GLU B 213 17.39 3.75 -18.13
CA GLU B 213 16.52 2.63 -18.46
C GLU B 213 16.31 2.54 -19.97
N ILE B 214 16.37 1.30 -20.47
CA ILE B 214 16.04 0.97 -21.86
C ILE B 214 14.83 0.03 -21.84
N ALA B 215 13.83 0.33 -22.67
CA ALA B 215 12.58 -0.45 -22.71
C ALA B 215 12.13 -0.61 -24.16
N ILE B 216 11.92 -1.87 -24.58
CA ILE B 216 11.60 -2.20 -25.98
C ILE B 216 10.52 -3.28 -25.99
N ALA B 217 9.37 -2.98 -26.58
CA ALA B 217 8.28 -3.94 -26.74
C ALA B 217 8.54 -4.90 -27.90
N ARG B 218 7.87 -6.05 -27.87
CA ARG B 218 8.08 -7.06 -28.91
C ARG B 218 7.02 -8.13 -28.81
N HIS B 219 6.95 -8.93 -29.88
CA HIS B 219 6.18 -10.17 -29.86
C HIS B 219 7.05 -11.29 -29.27
N SER B 220 6.47 -12.47 -29.15
CA SER B 220 7.25 -13.64 -28.78
C SER B 220 8.39 -13.83 -29.77
N LEU B 221 9.55 -14.25 -29.27
CA LEU B 221 10.69 -14.51 -30.13
C LEU B 221 10.47 -15.68 -31.07
N LEU B 222 9.53 -16.57 -30.78
CA LEU B 222 9.29 -17.72 -31.64
C LEU B 222 8.04 -17.49 -32.51
#